data_4J8P
#
_entry.id   4J8P
#
_cell.length_a   56.246
_cell.length_b   56.246
_cell.length_c   102.292
_cell.angle_alpha   90.000
_cell.angle_beta   90.000
_cell.angle_gamma   90.000
#
_symmetry.space_group_name_H-M   'P 41 21 2'
#
loop_
_entity.id
_entity.type
_entity.pdbx_description
1 polymer Flavodoxin
2 non-polymer 'FLAVIN MONONUCLEOTIDE'
3 non-polymer 'UNKNOWN LIGAND'
4 non-polymer GLYCEROL
5 non-polymer 'SULFATE ION'
6 non-polymer 'CHLORIDE ION'
7 water water
#
_entity_poly.entity_id   1
_entity_poly.type   'polypeptide(L)'
_entity_poly.pdbx_seq_one_letter_code
;GQKKGGKTLVAYFSATGTTARAAKLVAEAVDGTFYEIQPAKKYTAADLDWHDKASRSSVE(MSE)SDSKSRPALYSKLGS
LAEYDTIYIGFPIWWNLAPRIINTFIESGDFAGKTVIPFATSGSSSISNAEKELQTNYPGINWGKGRLLNGASRETVKQW
IKK
;
_entity_poly.pdbx_strand_id   A
#
loop_
_chem_comp.id
_chem_comp.type
_chem_comp.name
_chem_comp.formula
CL non-polymer 'CHLORIDE ION' 'Cl -1'
FMN non-polymer 'FLAVIN MONONUCLEOTIDE' 'C17 H21 N4 O9 P'
GOL non-polymer GLYCEROL 'C3 H8 O3'
SO4 non-polymer 'SULFATE ION' 'O4 S -2'
UNL non-polymer 'UNKNOWN LIGAND' ?
#
# COMPACT_ATOMS: atom_id res chain seq x y z
N LYS A 4 17.23 9.33 16.88
CA LYS A 4 16.69 7.99 16.64
C LYS A 4 15.74 7.97 15.42
N GLY A 5 15.98 8.89 14.47
CA GLY A 5 15.22 9.00 13.23
C GLY A 5 15.95 8.43 12.02
N GLY A 6 15.48 8.83 10.82
CA GLY A 6 16.05 8.41 9.55
C GLY A 6 15.81 6.94 9.22
N LYS A 7 14.78 6.33 9.86
CA LYS A 7 14.43 4.91 9.68
C LYS A 7 13.50 4.69 8.49
N THR A 8 13.31 3.42 8.10
CA THR A 8 12.44 3.08 6.98
C THR A 8 11.31 2.18 7.46
N LEU A 9 10.09 2.52 7.02
CA LEU A 9 8.90 1.75 7.35
C LEU A 9 8.42 1.06 6.09
N VAL A 10 8.06 -0.25 6.15
CA VAL A 10 7.44 -0.92 5.01
C VAL A 10 6.05 -1.27 5.48
N ALA A 11 5.07 -0.44 5.12
CA ALA A 11 3.67 -0.63 5.48
C ALA A 11 2.95 -1.32 4.33
N TYR A 12 2.04 -2.24 4.62
CA TYR A 12 1.35 -2.91 3.52
C TYR A 12 -0.02 -3.35 3.92
N PHE A 13 -0.91 -3.44 2.92
CA PHE A 13 -2.21 -4.07 3.10
C PHE A 13 -2.24 -5.34 2.22
N SER A 14 -2.81 -6.45 2.75
CA SER A 14 -2.88 -7.65 1.95
C SER A 14 -4.10 -8.44 2.38
N ALA A 15 -4.96 -8.79 1.44
CA ALA A 15 -6.17 -9.56 1.80
C ALA A 15 -5.96 -11.06 1.71
N THR A 16 -5.14 -11.53 0.75
CA THR A 16 -4.91 -12.95 0.54
C THR A 16 -3.41 -13.30 0.54
N GLY A 17 -2.58 -12.46 1.14
CA GLY A 17 -1.18 -12.78 1.39
C GLY A 17 -0.14 -12.53 0.31
N THR A 18 -0.56 -12.19 -0.92
CA THR A 18 0.40 -11.98 -2.00
C THR A 18 1.27 -10.74 -1.73
N THR A 19 0.62 -9.60 -1.43
CA THR A 19 1.33 -8.34 -1.15
C THR A 19 2.11 -8.49 0.18
N ALA A 20 1.59 -9.28 1.15
CA ALA A 20 2.31 -9.49 2.40
C ALA A 20 3.69 -10.10 2.16
N ARG A 21 3.75 -11.09 1.23
CA ARG A 21 5.02 -11.76 0.94
C ARG A 21 5.97 -10.82 0.16
N ALA A 22 5.41 -10.01 -0.77
CA ALA A 22 6.26 -9.03 -1.45
C ALA A 22 6.79 -8.00 -0.46
N ALA A 23 5.93 -7.55 0.49
CA ALA A 23 6.36 -6.56 1.49
C ALA A 23 7.43 -7.11 2.43
N LYS A 24 7.37 -8.41 2.77
CA LYS A 24 8.41 -9.01 3.60
C LYS A 24 9.74 -8.90 2.88
N LEU A 25 9.75 -9.21 1.55
CA LEU A 25 10.98 -9.13 0.77
C LEU A 25 11.49 -7.69 0.72
N VAL A 26 10.58 -6.70 0.55
CA VAL A 26 10.98 -5.28 0.52
C VAL A 26 11.58 -4.87 1.88
N ALA A 27 10.90 -5.20 3.00
CA ALA A 27 11.42 -4.86 4.36
C ALA A 27 12.81 -5.43 4.57
N GLU A 28 13.07 -6.67 4.09
CA GLU A 28 14.38 -7.29 4.24
C GLU A 28 15.43 -6.53 3.45
N ALA A 29 15.10 -6.19 2.17
CA ALA A 29 16.00 -5.51 1.25
C ALA A 29 16.39 -4.09 1.71
N VAL A 30 15.48 -3.36 2.39
CA VAL A 30 15.74 -1.99 2.86
C VAL A 30 16.04 -1.90 4.37
N ASP A 31 16.05 -3.05 5.12
CA ASP A 31 16.24 -3.10 6.59
CA ASP A 31 16.26 -3.08 6.59
C ASP A 31 15.20 -2.19 7.26
N GLY A 32 13.94 -2.35 6.83
CA GLY A 32 12.86 -1.56 7.35
C GLY A 32 12.00 -2.29 8.34
N THR A 33 11.20 -1.53 9.09
CA THR A 33 10.23 -2.07 10.02
C THR A 33 9.05 -2.59 9.20
N PHE A 34 8.70 -3.87 9.42
CA PHE A 34 7.59 -4.53 8.72
C PHE A 34 6.31 -4.19 9.44
N TYR A 35 5.36 -3.56 8.74
CA TYR A 35 4.15 -3.08 9.39
C TYR A 35 2.91 -3.40 8.57
N GLU A 36 1.92 -4.05 9.18
CA GLU A 36 0.70 -4.36 8.44
C GLU A 36 -0.39 -3.33 8.69
N ILE A 37 -0.98 -2.82 7.60
CA ILE A 37 -2.14 -1.95 7.61
C ILE A 37 -3.31 -2.84 7.79
N GLN A 38 -3.93 -2.72 8.97
CA GLN A 38 -4.97 -3.62 9.45
C GLN A 38 -6.38 -3.03 9.35
N PRO A 39 -7.29 -3.67 8.62
CA PRO A 39 -8.69 -3.23 8.65
C PRO A 39 -9.37 -3.58 9.99
N ALA A 40 -10.33 -2.76 10.43
CA ALA A 40 -11.15 -3.08 11.62
C ALA A 40 -11.94 -4.36 11.33
N LYS A 41 -12.42 -4.50 10.08
CA LYS A 41 -13.10 -5.72 9.63
C LYS A 41 -12.31 -6.34 8.49
N LYS A 42 -11.76 -7.53 8.71
CA LYS A 42 -10.97 -8.22 7.70
C LYS A 42 -11.83 -8.54 6.49
N TYR A 43 -11.21 -8.52 5.29
CA TYR A 43 -11.97 -8.81 4.08
C TYR A 43 -12.22 -10.32 3.94
N THR A 44 -13.51 -10.71 3.90
CA THR A 44 -13.92 -12.10 3.70
C THR A 44 -13.87 -12.44 2.21
N ALA A 45 -14.04 -13.74 1.88
CA ALA A 45 -14.14 -14.18 0.49
C ALA A 45 -15.31 -13.45 -0.22
N ALA A 46 -16.46 -13.30 0.47
CA ALA A 46 -17.62 -12.59 -0.09
C ALA A 46 -17.29 -11.11 -0.31
N ASP A 47 -16.54 -10.50 0.63
CA ASP A 47 -16.14 -9.09 0.44
C ASP A 47 -15.27 -8.89 -0.79
N LEU A 48 -14.45 -9.91 -1.10
CA LEU A 48 -13.48 -9.87 -2.18
C LEU A 48 -14.06 -10.35 -3.52
N ASP A 49 -15.38 -10.63 -3.58
CA ASP A 49 -16.04 -11.10 -4.80
C ASP A 49 -16.15 -9.91 -5.78
N TRP A 50 -15.18 -9.81 -6.68
CA TRP A 50 -15.13 -8.72 -7.66
C TRP A 50 -16.32 -8.77 -8.63
N HIS A 51 -16.89 -9.96 -8.84
CA HIS A 51 -17.97 -10.07 -9.80
C HIS A 51 -19.29 -9.52 -9.26
N ASP A 52 -19.47 -9.53 -7.93
CA ASP A 52 -20.71 -9.07 -7.33
C ASP A 52 -20.66 -7.56 -7.06
N LYS A 53 -21.49 -6.77 -7.80
CA LYS A 53 -21.50 -5.32 -7.62
C LYS A 53 -21.88 -4.88 -6.21
N ALA A 54 -22.50 -5.78 -5.43
CA ALA A 54 -22.92 -5.47 -4.06
C ALA A 54 -21.88 -5.88 -3.02
N SER A 55 -20.75 -6.51 -3.42
CA SER A 55 -19.75 -6.94 -2.45
C SER A 55 -19.09 -5.72 -1.82
N ARG A 56 -18.57 -5.88 -0.62
CA ARG A 56 -17.89 -4.78 0.09
C ARG A 56 -16.81 -4.13 -0.80
N SER A 57 -15.95 -4.95 -1.44
CA SER A 57 -14.90 -4.34 -2.27
C SER A 57 -15.50 -3.62 -3.46
N SER A 58 -16.60 -4.15 -4.06
CA SER A 58 -17.18 -3.45 -5.22
C SER A 58 -17.73 -2.08 -4.79
N VAL A 59 -18.40 -2.02 -3.64
CA VAL A 59 -18.98 -0.78 -3.14
C VAL A 59 -17.86 0.22 -2.79
N GLU A 60 -16.83 -0.25 -2.08
CA GLU A 60 -15.74 0.66 -1.68
C GLU A 60 -15.02 1.21 -2.92
N MSE A 61 -14.77 0.36 -3.91
CA MSE A 61 -14.02 0.80 -5.08
C MSE A 61 -14.88 1.71 -5.99
O MSE A 61 -14.30 2.45 -6.79
CB MSE A 61 -13.37 -0.37 -5.83
CG MSE A 61 -12.38 -1.18 -4.95
SE MSE A 61 -11.15 -0.04 -3.90
CE MSE A 61 -10.29 0.90 -5.30
N SER A 62 -16.22 1.70 -5.84
CA SER A 62 -17.08 2.57 -6.62
CA SER A 62 -17.06 2.57 -6.63
C SER A 62 -17.16 3.97 -5.98
N ASP A 63 -16.70 4.11 -4.73
CA ASP A 63 -16.78 5.35 -3.96
C ASP A 63 -15.38 5.87 -3.59
N SER A 64 -14.90 6.94 -4.27
CA SER A 64 -13.58 7.52 -4.01
C SER A 64 -13.47 8.10 -2.60
N LYS A 65 -14.61 8.33 -1.91
CA LYS A 65 -14.60 8.90 -0.56
C LYS A 65 -14.67 7.83 0.55
N SER A 66 -14.81 6.54 0.17
CA SER A 66 -14.89 5.45 1.17
C SER A 66 -13.58 5.35 1.94
N ARG A 67 -13.68 5.22 3.29
CA ARG A 67 -12.50 5.11 4.14
C ARG A 67 -12.68 3.97 5.16
N PRO A 68 -12.39 2.71 4.78
CA PRO A 68 -12.53 1.59 5.73
C PRO A 68 -11.73 1.86 6.98
N ALA A 69 -12.37 1.65 8.15
CA ALA A 69 -11.68 1.95 9.41
C ALA A 69 -10.50 1.01 9.65
N LEU A 70 -9.47 1.52 10.36
CA LEU A 70 -8.32 0.72 10.74
C LEU A 70 -8.59 -0.02 12.06
N TYR A 71 -7.92 -1.16 12.30
CA TYR A 71 -8.10 -1.96 13.52
C TYR A 71 -7.65 -1.20 14.77
N SER A 72 -6.56 -0.40 14.64
CA SER A 72 -6.01 0.37 15.74
CA SER A 72 -6.03 0.39 15.75
C SER A 72 -5.57 1.73 15.28
N LYS A 73 -5.49 2.70 16.22
CA LYS A 73 -5.01 4.01 15.83
C LYS A 73 -3.54 3.86 15.45
N LEU A 74 -3.09 4.69 14.53
CA LEU A 74 -1.72 4.70 14.05
C LEU A 74 -0.82 5.28 15.11
N GLY A 75 0.34 4.68 15.31
CA GLY A 75 1.34 5.18 16.23
C GLY A 75 2.10 6.32 15.55
N SER A 76 3.14 6.84 16.22
CA SER A 76 3.94 7.93 15.66
C SER A 76 4.76 7.47 14.45
N LEU A 77 4.87 8.34 13.42
CA LEU A 77 5.68 8.06 12.22
C LEU A 77 6.93 8.94 12.21
N ALA A 78 7.15 9.74 13.29
CA ALA A 78 8.26 10.66 13.44
C ALA A 78 9.65 10.03 13.19
N GLU A 79 9.87 8.77 13.63
CA GLU A 79 11.17 8.10 13.48
C GLU A 79 11.53 7.73 12.00
N TYR A 80 10.54 7.79 11.09
CA TYR A 80 10.81 7.40 9.71
C TYR A 80 10.98 8.57 8.76
N ASP A 81 11.96 8.48 7.85
CA ASP A 81 12.10 9.48 6.79
C ASP A 81 11.66 8.87 5.45
N THR A 82 11.47 7.52 5.42
CA THR A 82 11.09 6.79 4.21
C THR A 82 10.02 5.80 4.53
N ILE A 83 8.92 5.81 3.77
CA ILE A 83 7.82 4.89 4.01
C ILE A 83 7.42 4.24 2.69
N TYR A 84 7.53 2.92 2.65
CA TYR A 84 7.01 2.16 1.49
C TYR A 84 5.57 1.79 1.83
N ILE A 85 4.63 1.89 0.85
CA ILE A 85 3.23 1.53 1.09
C ILE A 85 2.86 0.52 0.04
N GLY A 86 2.58 -0.71 0.45
CA GLY A 86 2.24 -1.77 -0.50
C GLY A 86 0.79 -2.16 -0.47
N PHE A 87 0.28 -2.57 -1.62
CA PHE A 87 -1.12 -2.99 -1.69
C PHE A 87 -1.42 -3.82 -2.92
N PRO A 88 -2.48 -4.63 -2.88
CA PRO A 88 -2.96 -5.22 -4.14
C PRO A 88 -3.64 -4.17 -5.01
N ILE A 89 -3.62 -4.33 -6.33
CA ILE A 89 -4.39 -3.41 -7.17
C ILE A 89 -5.84 -3.90 -7.17
N TRP A 90 -6.78 -3.01 -6.82
CA TRP A 90 -8.21 -3.32 -6.88
C TRP A 90 -8.83 -2.36 -7.89
N TRP A 91 -9.35 -2.93 -8.98
CA TRP A 91 -9.97 -2.09 -10.01
C TRP A 91 -9.06 -0.88 -10.41
N ASN A 92 -7.76 -1.20 -10.67
CA ASN A 92 -6.79 -0.21 -11.17
CA ASN A 92 -6.73 -0.27 -11.13
C ASN A 92 -6.49 0.89 -10.14
N LEU A 93 -6.79 0.64 -8.84
CA LEU A 93 -6.58 1.63 -7.80
C LEU A 93 -5.98 0.98 -6.57
N ALA A 94 -5.53 1.82 -5.64
CA ALA A 94 -5.20 1.33 -4.34
C ALA A 94 -6.52 1.03 -3.60
N PRO A 95 -6.57 -0.07 -2.86
CA PRO A 95 -7.76 -0.28 -1.99
C PRO A 95 -7.97 0.95 -1.09
N ARG A 96 -9.23 1.25 -0.76
CA ARG A 96 -9.53 2.48 0.01
C ARG A 96 -8.89 2.52 1.41
N ILE A 97 -8.56 1.37 1.99
CA ILE A 97 -7.90 1.38 3.31
C ILE A 97 -6.53 2.10 3.19
N ILE A 98 -5.93 2.15 1.98
CA ILE A 98 -4.65 2.89 1.83
C ILE A 98 -4.91 4.38 2.04
N ASN A 99 -6.06 4.89 1.55
CA ASN A 99 -6.43 6.28 1.80
C ASN A 99 -6.65 6.48 3.32
N THR A 100 -7.33 5.51 3.99
CA THR A 100 -7.52 5.69 5.44
C THR A 100 -6.16 5.80 6.14
N PHE A 101 -5.22 4.91 5.77
CA PHE A 101 -3.90 4.88 6.37
C PHE A 101 -3.18 6.23 6.17
N ILE A 102 -3.10 6.72 4.92
CA ILE A 102 -2.40 7.99 4.65
C ILE A 102 -3.06 9.15 5.41
N GLU A 103 -4.39 9.10 5.52
CA GLU A 103 -5.13 10.17 6.19
C GLU A 103 -5.12 10.00 7.71
N SER A 104 -4.42 8.98 8.25
CA SER A 104 -4.41 8.76 9.70
C SER A 104 -3.04 9.04 10.36
N GLY A 105 -2.10 9.55 9.58
CA GLY A 105 -0.77 9.89 10.09
C GLY A 105 -0.20 11.12 9.39
N ASP A 106 0.93 11.60 9.92
CA ASP A 106 1.62 12.78 9.38
C ASP A 106 2.77 12.31 8.50
N PHE A 107 2.60 12.39 7.18
CA PHE A 107 3.59 11.93 6.20
C PHE A 107 4.51 13.09 5.70
N ALA A 108 4.47 14.27 6.35
CA ALA A 108 5.32 15.42 5.97
C ALA A 108 6.79 15.14 6.24
N GLY A 109 7.64 15.60 5.32
CA GLY A 109 9.09 15.43 5.42
C GLY A 109 9.56 14.01 5.18
N LYS A 110 8.73 13.20 4.49
CA LYS A 110 9.05 11.80 4.24
C LYS A 110 8.91 11.44 2.77
N THR A 111 9.77 10.54 2.33
CA THR A 111 9.67 10.01 0.98
CA THR A 111 9.71 9.98 0.99
C THR A 111 8.75 8.81 1.07
N VAL A 112 7.74 8.78 0.23
CA VAL A 112 6.74 7.72 0.25
C VAL A 112 6.73 7.02 -1.09
N ILE A 113 6.89 5.69 -1.06
CA ILE A 113 7.07 4.88 -2.26
C ILE A 113 6.00 3.81 -2.34
N PRO A 114 5.08 3.88 -3.30
CA PRO A 114 4.07 2.83 -3.40
C PRO A 114 4.59 1.60 -4.14
N PHE A 115 4.15 0.42 -3.69
CA PHE A 115 4.44 -0.82 -4.45
C PHE A 115 3.17 -1.67 -4.45
N ALA A 116 3.04 -2.57 -5.41
CA ALA A 116 1.80 -3.32 -5.51
C ALA A 116 1.98 -4.69 -6.11
N THR A 117 0.94 -5.51 -5.98
CA THR A 117 0.84 -6.77 -6.72
C THR A 117 -0.51 -6.76 -7.43
N SER A 118 -0.60 -7.48 -8.54
CA SER A 118 -1.85 -7.48 -9.32
C SER A 118 -2.00 -8.75 -10.11
N GLY A 119 -3.20 -8.97 -10.66
CA GLY A 119 -3.42 -10.07 -11.58
C GLY A 119 -2.65 -9.83 -12.87
N SER A 120 -2.66 -8.57 -13.36
CA SER A 120 -1.92 -8.15 -14.56
C SER A 120 -1.78 -6.64 -14.71
N SER A 121 -2.68 -5.85 -14.09
CA SER A 121 -2.64 -4.41 -14.29
C SER A 121 -1.35 -3.78 -13.78
N SER A 122 -0.97 -2.70 -14.44
CA SER A 122 0.18 -1.89 -14.02
CA SER A 122 0.19 -1.92 -14.02
C SER A 122 -0.17 -1.07 -12.77
N ILE A 123 0.83 -0.51 -12.08
CA ILE A 123 0.59 0.33 -10.91
C ILE A 123 0.32 1.79 -11.32
N SER A 124 0.47 2.13 -12.62
CA SER A 124 0.43 3.52 -13.06
C SER A 124 -0.77 4.29 -12.57
N ASN A 125 -2.00 3.78 -12.80
CA ASN A 125 -3.16 4.57 -12.39
C ASN A 125 -3.26 4.69 -10.87
N ALA A 126 -3.04 3.59 -10.17
CA ALA A 126 -3.15 3.60 -8.70
C ALA A 126 -2.17 4.61 -8.10
N GLU A 127 -0.94 4.56 -8.60
CA GLU A 127 0.08 5.50 -8.15
C GLU A 127 -0.32 6.96 -8.52
N LYS A 128 -0.75 7.20 -9.77
CA LYS A 128 -1.10 8.58 -10.15
C LYS A 128 -2.25 9.12 -9.28
N GLU A 129 -3.27 8.30 -9.00
CA GLU A 129 -4.37 8.77 -8.17
C GLU A 129 -3.87 9.12 -6.76
N LEU A 130 -2.92 8.31 -6.20
CA LEU A 130 -2.40 8.65 -4.87
C LEU A 130 -1.62 9.97 -4.92
N GLN A 131 -0.77 10.15 -5.96
CA GLN A 131 -0.01 11.40 -6.05
C GLN A 131 -0.94 12.61 -6.13
N THR A 132 -2.00 12.49 -6.96
CA THR A 132 -2.92 13.60 -7.23
C THR A 132 -3.75 13.93 -5.95
N ASN A 133 -4.12 12.90 -5.19
CA ASN A 133 -4.94 13.14 -3.99
C ASN A 133 -4.12 13.67 -2.83
N TYR A 134 -2.78 13.35 -2.82
CA TYR A 134 -1.90 13.75 -1.71
C TYR A 134 -0.68 14.49 -2.26
N PRO A 135 -0.89 15.71 -2.79
CA PRO A 135 0.22 16.42 -3.45
C PRO A 135 1.27 17.00 -2.51
N GLY A 136 1.02 16.92 -1.20
CA GLY A 136 1.95 17.39 -0.18
C GLY A 136 3.00 16.36 0.18
N ILE A 137 2.82 15.11 -0.28
CA ILE A 137 3.77 14.04 0.06
C ILE A 137 4.89 13.97 -0.99
N ASN A 138 6.11 13.64 -0.54
CA ASN A 138 7.25 13.51 -1.46
C ASN A 138 7.21 12.12 -2.08
N TRP A 139 6.37 11.95 -3.09
CA TRP A 139 6.24 10.65 -3.74
C TRP A 139 7.50 10.24 -4.49
N GLY A 140 7.94 9.00 -4.22
CA GLY A 140 9.03 8.35 -4.95
C GLY A 140 8.40 7.39 -5.97
N LYS A 141 9.12 7.15 -7.11
CA LYS A 141 8.57 6.27 -8.16
CA LYS A 141 8.59 6.27 -8.16
C LYS A 141 8.23 4.87 -7.61
N GLY A 142 7.01 4.45 -7.90
CA GLY A 142 6.52 3.16 -7.42
C GLY A 142 6.86 2.00 -8.33
N ARG A 143 6.47 0.79 -7.88
CA ARG A 143 6.79 -0.41 -8.62
CA ARG A 143 6.79 -0.41 -8.63
C ARG A 143 5.78 -1.52 -8.41
N LEU A 144 5.46 -2.21 -9.50
CA LEU A 144 4.62 -3.40 -9.45
C LEU A 144 5.60 -4.57 -9.22
N LEU A 145 5.32 -5.40 -8.21
CA LEU A 145 6.19 -6.51 -7.81
C LEU A 145 5.42 -7.83 -7.91
N ASN A 146 5.07 -8.22 -9.14
CA ASN A 146 4.41 -9.50 -9.38
C ASN A 146 5.44 -10.59 -9.44
N GLY A 147 5.09 -11.78 -8.94
CA GLY A 147 6.01 -12.92 -8.85
C GLY A 147 7.25 -12.53 -8.07
N ALA A 148 7.06 -11.73 -6.99
CA ALA A 148 8.12 -11.18 -6.16
C ALA A 148 9.04 -12.25 -5.60
N SER A 149 10.33 -12.02 -5.78
CA SER A 149 11.37 -12.89 -5.25
C SER A 149 12.47 -12.06 -4.63
N ARG A 150 13.37 -12.70 -3.86
CA ARG A 150 14.49 -11.97 -3.28
C ARG A 150 15.27 -11.26 -4.40
N GLU A 151 15.44 -11.93 -5.56
CA GLU A 151 16.18 -11.35 -6.68
C GLU A 151 15.44 -10.17 -7.36
N THR A 152 14.13 -10.28 -7.65
CA THR A 152 13.43 -9.16 -8.28
C THR A 152 13.39 -7.94 -7.34
N VAL A 153 13.24 -8.17 -6.02
CA VAL A 153 13.19 -7.08 -5.04
C VAL A 153 14.59 -6.48 -4.86
N LYS A 154 15.65 -7.34 -4.78
CA LYS A 154 17.04 -6.87 -4.65
C LYS A 154 17.38 -5.88 -5.79
N GLN A 155 17.00 -6.24 -7.04
CA GLN A 155 17.22 -5.46 -8.25
C GLN A 155 16.50 -4.13 -8.21
N TRP A 156 15.25 -4.11 -7.72
CA TRP A 156 14.49 -2.87 -7.60
C TRP A 156 15.17 -1.92 -6.60
N ILE A 157 15.57 -2.44 -5.43
CA ILE A 157 16.19 -1.64 -4.37
C ILE A 157 17.63 -1.23 -4.72
N LYS A 158 18.42 -2.12 -5.33
CA LYS A 158 19.82 -1.78 -5.63
C LYS A 158 19.95 -0.76 -6.77
N LYS A 159 18.99 -0.77 -7.73
CA LYS A 159 18.94 0.13 -8.90
C LYS A 159 20.28 0.11 -9.64
N1 FMN B . -5.78 -7.36 -10.47
C2 FMN B . -5.53 -6.60 -11.58
O2 FMN B . -4.65 -6.91 -12.40
N3 FMN B . -6.32 -5.47 -11.86
C4 FMN B . -7.41 -5.06 -11.11
O4 FMN B . -8.00 -4.02 -11.41
C4A FMN B . -7.73 -5.93 -9.98
N5 FMN B . -8.84 -5.68 -9.30
C5A FMN B . -9.14 -6.51 -8.22
C6 FMN B . -10.27 -6.22 -7.46
C7 FMN B . -10.57 -6.94 -6.31
C7M FMN B . -11.73 -6.50 -5.45
C8 FMN B . -9.74 -8.02 -5.93
C8M FMN B . -9.99 -8.78 -4.67
C9 FMN B . -8.63 -8.32 -6.71
C9A FMN B . -8.30 -7.58 -7.84
N10 FMN B . -7.14 -7.83 -8.63
C10 FMN B . -6.84 -7.05 -9.71
C1' FMN B . -6.25 -8.95 -8.24
C2' FMN B . -5.26 -8.56 -7.14
O2' FMN B . -4.64 -7.31 -7.38
C3' FMN B . -4.14 -9.60 -6.96
O3' FMN B . -4.71 -10.92 -6.90
C4' FMN B . -3.28 -9.30 -5.72
O4' FMN B . -2.01 -9.93 -5.91
C5' FMN B . -3.94 -9.83 -4.46
O5' FMN B . -3.09 -9.41 -3.39
P FMN B . -3.29 -9.78 -1.87
O1P FMN B . -4.57 -9.31 -1.30
O2P FMN B . -2.08 -9.18 -1.21
O3P FMN B . -3.16 -11.31 -1.78
O2 UNL C . -6.83 -10.61 -12.18
ON1 UNL C . -7.66 -10.47 -11.30
O1 UNL C . -7.71 -11.37 -10.22
OC6 UNL C . -8.60 -9.41 -11.37
OC1 UNL C . -8.46 -8.41 -12.32
OC5 UNL C . -9.67 -9.36 -10.48
OC4 UNL C . -10.59 -8.30 -10.53
OC3 UNL C . -10.46 -7.32 -11.51
OC2 UNL C . -9.36 -7.36 -12.39
C1 GOL D . 2.15 2.72 13.00
O1 GOL D . 1.09 2.49 13.92
C2 GOL D . 3.42 2.13 13.57
O2 GOL D . 3.70 2.76 14.82
C3 GOL D . 4.59 2.25 12.63
O3 GOL D . 5.77 1.76 13.24
C1 GOL E . 2.40 0.16 16.50
C1 GOL E . 3.31 -0.31 16.52
O1 GOL E . 2.98 -0.93 15.80
O1 GOL E . 2.49 -1.05 15.62
C2 GOL E . 2.93 0.22 17.92
C2 GOL E . 2.47 0.64 17.34
O2 GOL E . 4.35 0.04 17.93
O2 GOL E . 1.88 1.61 16.48
C3 GOL E . 2.58 1.52 18.60
C3 GOL E . 3.30 1.32 18.39
O3 GOL E . 2.15 1.27 19.94
O3 GOL E . 2.51 2.24 19.13
C1 GOL F . -8.75 3.69 14.15
O1 GOL F . -8.62 3.01 15.40
C2 GOL F . -10.22 3.81 13.80
O2 GOL F . -10.80 2.52 13.65
C3 GOL F . -10.44 4.64 12.53
O3 GOL F . -9.76 4.12 11.37
C1 GOL G . -0.58 -15.85 6.17
O1 GOL G . -0.32 -16.96 5.32
C2 GOL G . -0.32 -14.56 5.45
O2 GOL G . -0.98 -14.61 4.18
C3 GOL G . -0.85 -13.37 6.22
O3 GOL G . -0.72 -12.18 5.45
C1 GOL H . 0.39 -15.29 -7.27
O1 GOL H . -0.84 -14.96 -6.64
C2 GOL H . 1.55 -15.05 -6.34
O2 GOL H . 1.39 -15.86 -5.16
C3 GOL H . 2.87 -15.36 -6.99
O3 GOL H . 3.07 -14.59 -8.16
C1 GOL I . 12.33 0.17 -11.06
O1 GOL I . 12.97 -1.03 -11.49
C2 GOL I . 11.25 0.59 -12.03
O2 GOL I . 10.27 1.37 -11.34
C3 GOL I . 11.85 1.37 -13.17
O3 GOL I . 12.40 2.62 -12.74
S SO4 J . 8.89 2.83 -16.28
O1 SO4 J . 8.84 4.28 -16.27
O2 SO4 J . 10.22 2.40 -15.84
O3 SO4 J . 7.86 2.31 -15.36
O4 SO4 J . 8.64 2.31 -17.63
S SO4 K . -0.74 -1.45 14.89
O1 SO4 K . -1.17 -1.22 16.28
O2 SO4 K . 0.44 -2.34 14.87
O3 SO4 K . -1.78 -2.11 14.11
O4 SO4 K . -0.51 -0.13 14.29
CL CL L . -1.07 15.83 0.94
CL CL M . -14.12 -15.95 4.34
#